data_4RCP
#
_entry.id   4RCP
#
_cell.length_a   39.390
_cell.length_b   61.270
_cell.length_c   51.260
_cell.angle_alpha   90.00
_cell.angle_beta   103.27
_cell.angle_gamma   90.00
#
_symmetry.space_group_name_H-M   'P 1 21 1'
#
loop_
_entity.id
_entity.type
_entity.pdbx_description
1 polymer 'Serine/threonine-protein kinase PLK1'
2 polymer PL-2
3 non-polymer 1,2-ETHANEDIOL
4 water water
#
loop_
_entity_poly.entity_id
_entity_poly.type
_entity_poly.pdbx_seq_one_letter_code
_entity_poly.pdbx_strand_id
1 'polypeptide(L)'
;CHLSDMLQQLHSVNASKPSERGLVRQEEAEDPACIPIFWVSKWVDYSDKYGLGYQLCDNSVGVLFNDSTRLILYNDGDSL
QYIERDGTESYLTVSSHPNSLMKKITLLKYFRNYMSEHLLKAGANITPREGDELARLPYLRTWFRTRSAIILHLSNGSVQ
INFFQDHTKLILCPLMAAVTYIDEKRDFRTYRLSLLEEYGCCKELASRLRYARTMVDKLLSSRSASNR
;
A
2 'polypeptide(L)' (ACE)(56A)S(TPO)(NH2) B
#
loop_
_chem_comp.id
_chem_comp.type
_chem_comp.name
_chem_comp.formula
ACE non-polymer 'ACETYL GROUP' 'C2 H4 O'
EDO non-polymer 1,2-ETHANEDIOL 'C2 H6 O2'
NH2 non-polymer 'AMINO GROUP' 'H2 N'
#
# COMPACT_ATOMS: atom_id res chain seq x y z
N CYS A 1 12.00 0.70 10.21
CA CYS A 1 10.95 0.10 9.34
C CYS A 1 11.54 -1.02 8.49
N HIS A 2 10.81 -1.43 7.45
CA HIS A 2 11.27 -2.49 6.57
C HIS A 2 11.60 -2.03 5.16
N LEU A 3 11.70 -0.72 4.96
CA LEU A 3 12.02 -0.18 3.64
C LEU A 3 13.39 -0.65 3.18
N SER A 4 14.35 -0.75 4.10
CA SER A 4 15.68 -1.20 3.73
C SER A 4 15.63 -2.64 3.26
N ASP A 5 14.78 -3.45 3.89
CA ASP A 5 14.65 -4.86 3.50
C ASP A 5 14.09 -4.91 2.08
N MET A 6 13.09 -4.08 1.82
CA MET A 6 12.48 -4.04 0.49
C MET A 6 13.50 -3.62 -0.55
N LEU A 7 14.35 -2.66 -0.21
CA LEU A 7 15.37 -2.21 -1.13
C LEU A 7 16.33 -3.34 -1.48
N GLN A 8 16.74 -4.12 -0.48
CA GLN A 8 17.64 -5.24 -0.74
C GLN A 8 16.99 -6.22 -1.70
N GLN A 9 15.71 -6.50 -1.46
CA GLN A 9 14.95 -7.43 -2.29
C GLN A 9 14.77 -6.94 -3.72
N LEU A 10 14.40 -5.68 -3.87
CA LEU A 10 14.21 -5.11 -5.20
C LEU A 10 15.53 -5.00 -5.95
N HIS A 11 16.58 -4.57 -5.27
CA HIS A 11 17.86 -4.47 -5.94
C HIS A 11 18.27 -5.82 -6.52
N SER A 12 18.09 -6.88 -5.73
CA SER A 12 18.45 -8.22 -6.16
C SER A 12 17.64 -8.71 -7.36
N VAL A 13 16.31 -8.59 -7.29
CA VAL A 13 15.49 -9.07 -8.39
C VAL A 13 15.75 -8.26 -9.66
N ASN A 14 15.91 -6.95 -9.54
CA ASN A 14 16.15 -6.14 -10.73
C ASN A 14 17.54 -6.42 -11.30
N ALA A 15 18.51 -6.68 -10.43
CA ALA A 15 19.87 -6.97 -10.87
C ALA A 15 19.89 -8.26 -11.69
N SER A 16 18.92 -9.14 -11.45
CA SER A 16 18.84 -10.41 -12.15
C SER A 16 18.28 -10.26 -13.56
N LYS A 17 17.87 -9.05 -13.92
CA LYS A 17 17.32 -8.77 -15.25
C LYS A 17 16.36 -9.88 -15.65
N PRO A 18 15.27 -10.05 -14.88
CA PRO A 18 14.24 -11.06 -15.10
C PRO A 18 13.56 -11.17 -16.47
N SER A 19 13.43 -10.05 -17.19
CA SER A 19 12.79 -10.12 -18.50
C SER A 19 13.77 -10.48 -19.61
N GLU A 20 15.06 -10.45 -19.29
CA GLU A 20 16.10 -10.77 -20.26
C GLU A 20 16.59 -12.20 -20.09
N ARG A 21 15.68 -13.15 -20.25
CA ARG A 21 16.00 -14.57 -20.12
C ARG A 21 15.66 -15.33 -21.39
N GLY A 22 16.33 -16.46 -21.59
CA GLY A 22 16.10 -17.27 -22.77
C GLY A 22 14.66 -17.73 -22.85
N LEU A 23 14.10 -18.13 -21.72
CA LEU A 23 12.71 -18.56 -21.66
C LEU A 23 12.10 -18.16 -20.32
N VAL A 24 11.24 -17.14 -20.37
CA VAL A 24 10.57 -16.66 -19.18
C VAL A 24 9.48 -17.64 -18.78
N ARG A 25 9.47 -18.03 -17.51
CA ARG A 25 8.47 -18.96 -16.99
C ARG A 25 7.87 -18.36 -15.72
N GLN A 26 7.36 -17.14 -15.88
CA GLN A 26 6.75 -16.37 -14.81
C GLN A 26 5.75 -17.12 -13.94
N GLU A 27 4.96 -17.97 -14.58
CA GLU A 27 3.93 -18.74 -13.87
C GLU A 27 4.50 -19.56 -12.71
N GLU A 28 5.74 -20.00 -12.84
CA GLU A 28 6.38 -20.81 -11.81
C GLU A 28 6.68 -20.01 -10.53
N ALA A 29 6.65 -18.69 -10.63
CA ALA A 29 6.94 -17.82 -9.50
C ALA A 29 5.69 -17.37 -8.75
N GLU A 30 4.52 -17.70 -9.29
CA GLU A 30 3.27 -17.31 -8.66
C GLU A 30 2.98 -18.18 -7.44
N ASP A 31 2.43 -17.56 -6.39
CA ASP A 31 2.09 -18.30 -5.17
C ASP A 31 1.02 -17.59 -4.37
N PRO A 32 -0.20 -18.17 -4.33
CA PRO A 32 -1.31 -17.58 -3.58
C PRO A 32 -1.06 -17.52 -2.08
N ALA A 33 -0.11 -18.31 -1.61
CA ALA A 33 0.22 -18.32 -0.19
C ALA A 33 0.87 -17.01 0.22
N CYS A 34 1.30 -16.23 -0.78
CA CYS A 34 1.95 -14.96 -0.52
C CYS A 34 1.03 -13.76 -0.70
N ILE A 35 -0.25 -14.00 -0.98
CA ILE A 35 -1.20 -12.90 -1.16
C ILE A 35 -1.12 -12.02 0.09
N PRO A 36 -1.13 -10.68 -0.09
CA PRO A 36 -1.06 -9.76 1.04
C PRO A 36 -2.23 -9.87 2.01
N ILE A 37 -2.01 -9.47 3.25
CA ILE A 37 -3.03 -9.47 4.26
C ILE A 37 -3.83 -8.18 4.08
N PHE A 38 -3.13 -7.13 3.65
CA PHE A 38 -3.73 -5.83 3.42
C PHE A 38 -3.18 -5.10 2.21
N TRP A 39 -4.03 -4.30 1.60
CA TRP A 39 -3.64 -3.43 0.50
C TRP A 39 -4.70 -2.35 0.45
N VAL A 40 -4.38 -1.24 -0.20
CA VAL A 40 -5.31 -0.12 -0.32
C VAL A 40 -6.29 -0.36 -1.46
N SER A 41 -7.58 -0.48 -1.13
CA SER A 41 -8.59 -0.72 -2.14
C SER A 41 -9.13 0.57 -2.76
N LYS A 42 -9.12 1.64 -1.99
CA LYS A 42 -9.60 2.94 -2.47
C LYS A 42 -8.90 4.05 -1.70
N TRP A 43 -8.87 5.25 -2.28
CA TRP A 43 -8.27 6.40 -1.60
C TRP A 43 -8.86 7.71 -2.11
N VAL A 44 -8.83 8.72 -1.25
CA VAL A 44 -9.34 10.04 -1.60
C VAL A 44 -8.34 11.08 -1.11
N ASP A 45 -7.80 11.85 -2.05
CA ASP A 45 -6.85 12.89 -1.71
C ASP A 45 -7.60 14.21 -1.47
N TYR A 46 -7.81 14.54 -0.20
CA TYR A 46 -8.50 15.77 0.16
C TYR A 46 -7.48 16.62 0.90
N SER A 47 -6.26 16.64 0.36
CA SER A 47 -5.16 17.39 0.96
C SER A 47 -5.42 18.91 0.99
N ASP A 48 -6.38 19.38 0.20
CA ASP A 48 -6.70 20.79 0.19
C ASP A 48 -7.19 21.27 1.55
N LYS A 49 -7.78 20.36 2.33
CA LYS A 49 -8.29 20.74 3.64
C LYS A 49 -8.04 19.78 4.80
N TYR A 50 -8.11 18.48 4.54
CA TYR A 50 -7.96 17.50 5.63
C TYR A 50 -6.83 16.50 5.55
N GLY A 51 -6.60 15.93 4.38
CA GLY A 51 -5.56 14.93 4.23
C GLY A 51 -5.98 13.84 3.28
N LEU A 52 -5.36 12.66 3.41
CA LEU A 52 -5.70 11.55 2.53
C LEU A 52 -6.41 10.41 3.25
N GLY A 53 -7.63 10.13 2.82
CA GLY A 53 -8.39 9.04 3.41
C GLY A 53 -8.24 7.82 2.53
N TYR A 54 -8.37 6.63 3.10
CA TYR A 54 -8.23 5.42 2.31
C TYR A 54 -8.97 4.26 2.95
N GLN A 55 -9.20 3.23 2.14
CA GLN A 55 -9.88 2.04 2.58
C GLN A 55 -8.97 0.87 2.30
N LEU A 56 -8.88 -0.07 3.23
CA LEU A 56 -8.06 -1.25 3.02
C LEU A 56 -9.00 -2.34 2.52
N CYS A 57 -8.43 -3.38 1.91
CA CYS A 57 -9.22 -4.47 1.36
C CYS A 57 -10.16 -5.18 2.34
N ASP A 58 -9.93 -5.05 3.64
CA ASP A 58 -10.79 -5.70 4.62
C ASP A 58 -11.93 -4.77 5.05
N ASN A 59 -12.07 -3.66 4.33
CA ASN A 59 -13.10 -2.66 4.58
C ASN A 59 -12.85 -1.72 5.76
N SER A 60 -11.67 -1.81 6.36
CA SER A 60 -11.33 -0.92 7.44
C SER A 60 -10.94 0.36 6.70
N VAL A 61 -10.90 1.48 7.40
CA VAL A 61 -10.54 2.73 6.75
C VAL A 61 -9.54 3.51 7.60
N GLY A 62 -8.95 4.53 7.02
CA GLY A 62 -8.00 5.32 7.76
C GLY A 62 -7.78 6.65 7.08
N VAL A 63 -7.04 7.51 7.76
CA VAL A 63 -6.75 8.82 7.21
C VAL A 63 -5.42 9.31 7.74
N LEU A 64 -4.61 9.83 6.83
CA LEU A 64 -3.35 10.45 7.20
C LEU A 64 -3.69 11.92 7.02
N PHE A 65 -3.88 12.61 8.13
CA PHE A 65 -4.25 14.01 8.11
C PHE A 65 -3.10 14.91 7.70
N ASN A 66 -3.42 16.13 7.30
CA ASN A 66 -2.39 17.09 6.89
C ASN A 66 -1.39 17.35 8.00
N ASP A 67 -1.79 17.16 9.25
CA ASP A 67 -0.87 17.40 10.36
C ASP A 67 -0.01 16.17 10.70
N SER A 68 -0.01 15.22 9.77
CA SER A 68 0.77 13.99 9.90
C SER A 68 0.36 13.02 10.98
N THR A 69 -0.83 13.19 11.55
CA THR A 69 -1.32 12.24 12.55
C THR A 69 -2.21 11.29 11.76
N ARG A 70 -2.50 10.12 12.31
CA ARG A 70 -3.35 9.16 11.61
C ARG A 70 -4.44 8.63 12.51
N LEU A 71 -5.56 8.26 11.90
CA LEU A 71 -6.66 7.67 12.64
C LEU A 71 -7.17 6.53 11.78
N ILE A 72 -7.30 5.34 12.37
CA ILE A 72 -7.79 4.20 11.61
C ILE A 72 -8.95 3.56 12.35
N LEU A 73 -9.91 3.06 11.57
CA LEU A 73 -11.10 2.40 12.09
C LEU A 73 -11.17 0.97 11.57
N TYR A 74 -11.23 0.01 12.48
CA TYR A 74 -11.31 -1.41 12.11
C TYR A 74 -12.62 -1.69 11.37
N ASN A 75 -12.67 -2.82 10.66
CA ASN A 75 -13.88 -3.14 9.93
C ASN A 75 -15.05 -3.51 10.84
N ASP A 76 -14.83 -3.48 12.16
CA ASP A 76 -15.92 -3.77 13.08
C ASP A 76 -16.71 -2.48 13.29
N GLY A 77 -16.21 -1.40 12.72
CA GLY A 77 -16.87 -0.11 12.81
C GLY A 77 -16.85 0.60 14.14
N ASP A 78 -16.02 0.15 15.07
CA ASP A 78 -15.97 0.80 16.38
C ASP A 78 -14.55 0.95 16.93
N SER A 79 -13.71 -0.05 16.70
CA SER A 79 -12.33 0.00 17.20
C SER A 79 -11.51 1.04 16.45
N LEU A 80 -10.91 1.94 17.20
CA LEU A 80 -10.09 3.00 16.64
C LEU A 80 -8.66 2.99 17.16
N GLN A 81 -7.75 3.50 16.34
CA GLN A 81 -6.36 3.62 16.77
C GLN A 81 -5.90 4.98 16.26
N TYR A 82 -5.39 5.80 17.18
CA TYR A 82 -4.88 7.12 16.84
C TYR A 82 -3.37 7.04 16.88
N ILE A 83 -2.72 7.57 15.86
CA ILE A 83 -1.26 7.55 15.80
C ILE A 83 -0.74 8.96 15.64
N GLU A 84 0.06 9.40 16.61
CA GLU A 84 0.61 10.74 16.56
C GLU A 84 1.71 10.86 15.52
N ARG A 85 2.18 12.07 15.29
CA ARG A 85 3.23 12.33 14.30
C ARG A 85 4.44 11.41 14.50
N ASP A 86 4.88 11.23 15.73
CA ASP A 86 6.05 10.39 16.00
C ASP A 86 5.78 8.90 16.09
N GLY A 87 4.55 8.49 15.81
CA GLY A 87 4.22 7.08 15.85
C GLY A 87 3.57 6.56 17.12
N THR A 88 3.42 7.42 18.13
CA THR A 88 2.79 7.00 19.38
C THR A 88 1.35 6.57 19.14
N GLU A 89 1.03 5.35 19.54
CA GLU A 89 -0.29 4.78 19.34
C GLU A 89 -1.20 4.79 20.56
N SER A 90 -2.48 5.05 20.31
CA SER A 90 -3.50 5.06 21.35
C SER A 90 -4.65 4.23 20.83
N TYR A 91 -5.15 3.33 21.66
CA TYR A 91 -6.25 2.44 21.29
C TYR A 91 -7.53 2.93 21.95
N LEU A 92 -8.54 3.18 21.12
CA LEU A 92 -9.82 3.71 21.59
C LEU A 92 -10.96 3.10 20.78
N THR A 93 -12.16 3.65 20.98
CA THR A 93 -13.35 3.18 20.26
C THR A 93 -14.24 4.37 19.94
N VAL A 94 -15.08 4.21 18.93
CA VAL A 94 -16.01 5.27 18.55
C VAL A 94 -17.00 5.48 19.69
N SER A 95 -17.41 4.38 20.31
CA SER A 95 -18.38 4.42 21.40
C SER A 95 -17.82 5.16 22.62
N SER A 96 -16.51 5.06 22.82
CA SER A 96 -15.87 5.74 23.94
C SER A 96 -14.59 6.38 23.45
N HIS A 97 -14.70 7.62 22.99
CA HIS A 97 -13.54 8.35 22.49
C HIS A 97 -13.45 9.70 23.18
N PRO A 98 -12.22 10.23 23.33
CA PRO A 98 -12.04 11.53 23.97
C PRO A 98 -12.62 12.62 23.07
N ASN A 99 -13.24 13.63 23.67
CA ASN A 99 -13.82 14.71 22.90
C ASN A 99 -12.78 15.39 22.04
N SER A 100 -11.52 15.30 22.46
CA SER A 100 -10.43 15.92 21.72
C SER A 100 -10.33 15.40 20.29
N LEU A 101 -10.83 14.20 20.06
CA LEU A 101 -10.78 13.58 18.73
C LEU A 101 -12.10 13.66 17.98
N MET A 102 -13.06 14.41 18.50
CA MET A 102 -14.36 14.52 17.84
C MET A 102 -14.23 14.94 16.37
N LYS A 103 -13.46 15.99 16.11
CA LYS A 103 -13.30 16.48 14.75
C LYS A 103 -12.68 15.43 13.83
N LYS A 104 -11.57 14.84 14.24
CA LYS A 104 -10.91 13.84 13.41
C LYS A 104 -11.74 12.59 13.19
N ILE A 105 -12.49 12.17 14.20
CA ILE A 105 -13.34 11.00 14.06
C ILE A 105 -14.47 11.31 13.08
N THR A 106 -14.98 12.54 13.15
CA THR A 106 -16.05 12.96 12.25
C THR A 106 -15.53 12.97 10.81
N LEU A 107 -14.31 13.47 10.63
CA LEU A 107 -13.71 13.52 9.30
C LEU A 107 -13.52 12.10 8.77
N LEU A 108 -13.08 11.19 9.63
CA LEU A 108 -12.88 9.81 9.21
C LEU A 108 -14.22 9.21 8.80
N LYS A 109 -15.28 9.54 9.53
CA LYS A 109 -16.60 9.02 9.20
C LYS A 109 -17.04 9.49 7.82
N TYR A 110 -16.75 10.75 7.49
CA TYR A 110 -17.11 11.27 6.17
C TYR A 110 -16.34 10.51 5.08
N PHE A 111 -15.06 10.25 5.32
CA PHE A 111 -14.26 9.52 4.34
C PHE A 111 -14.82 8.10 4.19
N ARG A 112 -15.12 7.49 5.33
CA ARG A 112 -15.65 6.14 5.36
C ARG A 112 -16.96 6.05 4.58
N ASN A 113 -17.88 6.96 4.84
CA ASN A 113 -19.16 6.93 4.14
C ASN A 113 -18.98 7.10 2.64
N TYR A 114 -18.11 8.03 2.23
CA TYR A 114 -17.88 8.25 0.81
C TYR A 114 -17.32 7.00 0.15
N MET A 115 -16.28 6.41 0.73
CA MET A 115 -15.69 5.22 0.14
C MET A 115 -16.56 3.98 0.26
N SER A 116 -17.58 4.05 1.11
CA SER A 116 -18.48 2.91 1.28
C SER A 116 -19.46 2.82 0.11
N GLU A 117 -19.71 3.94 -0.56
CA GLU A 117 -20.66 3.93 -1.67
C GLU A 117 -20.13 4.47 -2.99
N HIS A 118 -18.86 4.84 -3.01
CA HIS A 118 -18.24 5.37 -4.23
C HIS A 118 -16.90 4.70 -4.49
N LEU A 119 -16.51 4.70 -5.76
CA LEU A 119 -15.23 4.14 -6.23
C LEU A 119 -15.14 2.62 -6.23
N LEU A 120 -14.29 2.11 -7.12
CA LEU A 120 -14.08 0.67 -7.25
C LEU A 120 -13.12 0.20 -6.17
N LYS A 121 -13.23 -1.07 -5.80
CA LYS A 121 -12.33 -1.65 -4.81
C LYS A 121 -11.21 -2.35 -5.58
N ALA A 122 -9.99 -1.86 -5.43
CA ALA A 122 -8.86 -2.49 -6.11
C ALA A 122 -8.74 -3.91 -5.55
N GLY A 123 -8.55 -4.87 -6.44
CA GLY A 123 -8.42 -6.26 -6.03
C GLY A 123 -9.67 -6.80 -5.38
N ALA A 124 -10.83 -6.28 -5.79
CA ALA A 124 -12.10 -6.71 -5.23
C ALA A 124 -12.33 -8.21 -5.36
N ASN A 125 -11.80 -8.80 -6.42
CA ASN A 125 -11.97 -10.23 -6.68
C ASN A 125 -11.04 -11.13 -5.89
N ILE A 126 -10.18 -10.52 -5.06
CA ILE A 126 -9.22 -11.29 -4.27
C ILE A 126 -9.42 -11.23 -2.77
N THR A 127 -9.31 -12.38 -2.12
CA THR A 127 -9.46 -12.46 -0.67
C THR A 127 -8.08 -12.41 -0.03
N PRO A 128 -7.85 -11.43 0.85
CA PRO A 128 -6.54 -11.35 1.50
C PRO A 128 -6.26 -12.57 2.36
N ARG A 129 -4.98 -12.88 2.58
CA ARG A 129 -4.67 -14.02 3.41
C ARG A 129 -4.86 -13.57 4.85
N GLU A 130 -5.17 -14.50 5.75
CA GLU A 130 -5.38 -14.11 7.14
C GLU A 130 -4.06 -13.94 7.88
N GLY A 131 -4.03 -13.03 8.84
CA GLY A 131 -2.83 -12.80 9.61
C GLY A 131 -2.80 -13.62 10.88
N LEU A 137 -3.55 -4.33 12.61
CA LEU A 137 -4.00 -3.42 11.53
C LEU A 137 -2.99 -2.30 11.35
N PRO A 138 -2.43 -2.15 10.13
CA PRO A 138 -1.45 -1.10 9.86
C PRO A 138 -2.12 0.23 9.56
N TYR A 139 -1.31 1.28 9.51
CA TYR A 139 -1.81 2.61 9.20
C TYR A 139 -0.91 3.12 8.09
N LEU A 140 -1.32 4.21 7.45
CA LEU A 140 -0.53 4.79 6.37
C LEU A 140 0.58 5.63 6.98
N ARG A 141 1.82 5.22 6.73
CA ARG A 141 3.01 5.93 7.24
C ARG A 141 3.20 7.20 6.44
N THR A 142 3.18 7.06 5.12
CA THR A 142 3.32 8.22 4.25
C THR A 142 2.88 7.87 2.84
N TRP A 143 2.73 8.89 2.02
CA TRP A 143 2.34 8.70 0.63
C TRP A 143 2.79 9.92 -0.15
N PHE A 144 2.85 9.77 -1.47
CA PHE A 144 3.21 10.88 -2.34
C PHE A 144 2.83 10.50 -3.75
N ARG A 145 2.80 11.48 -4.64
CA ARG A 145 2.44 11.23 -6.03
C ARG A 145 3.56 11.72 -6.93
N THR A 146 3.68 11.09 -8.10
CA THR A 146 4.64 11.50 -9.11
C THR A 146 3.72 11.78 -10.30
N ARG A 147 4.28 12.11 -11.45
CA ARG A 147 3.42 12.36 -12.60
C ARG A 147 2.81 11.05 -13.10
N SER A 148 3.37 9.92 -12.69
CA SER A 148 2.89 8.62 -13.16
C SER A 148 2.11 7.76 -12.18
N ALA A 149 2.25 7.98 -10.88
CA ALA A 149 1.55 7.13 -9.93
C ALA A 149 1.46 7.71 -8.52
N ILE A 150 0.70 7.02 -7.68
CA ILE A 150 0.59 7.39 -6.28
C ILE A 150 1.27 6.24 -5.54
N ILE A 151 2.10 6.59 -4.57
CA ILE A 151 2.86 5.63 -3.77
C ILE A 151 2.33 5.67 -2.34
N LEU A 152 1.98 4.50 -1.80
CA LEU A 152 1.44 4.40 -0.45
C LEU A 152 2.29 3.45 0.38
N HIS A 153 2.77 3.92 1.53
CA HIS A 153 3.62 3.12 2.41
C HIS A 153 2.91 2.82 3.73
N LEU A 154 2.56 1.55 3.94
CA LEU A 154 1.87 1.12 5.16
C LEU A 154 2.85 0.81 6.28
N SER A 155 2.37 0.93 7.52
CA SER A 155 3.20 0.69 8.70
C SER A 155 3.67 -0.75 8.87
N ASN A 156 3.15 -1.66 8.06
CA ASN A 156 3.57 -3.07 8.15
C ASN A 156 4.71 -3.33 7.16
N GLY A 157 5.18 -2.27 6.52
CA GLY A 157 6.27 -2.40 5.57
C GLY A 157 5.84 -2.45 4.12
N SER A 158 4.57 -2.75 3.87
CA SER A 158 4.09 -2.82 2.50
C SER A 158 4.11 -1.49 1.78
N VAL A 159 4.42 -1.54 0.49
CA VAL A 159 4.45 -0.35 -0.36
C VAL A 159 3.57 -0.66 -1.56
N GLN A 160 2.60 0.21 -1.83
CA GLN A 160 1.71 0.02 -2.97
C GLN A 160 1.89 1.17 -3.95
N ILE A 161 1.90 0.84 -5.22
CA ILE A 161 2.09 1.83 -6.28
C ILE A 161 0.98 1.65 -7.31
N ASN A 162 0.12 2.65 -7.45
CA ASN A 162 -0.98 2.63 -8.40
C ASN A 162 -0.64 3.57 -9.54
N PHE A 163 -0.50 3.04 -10.75
CA PHE A 163 -0.18 3.86 -11.91
C PHE A 163 -1.45 4.49 -12.50
N PHE A 164 -1.39 5.79 -12.72
CA PHE A 164 -2.52 6.56 -13.23
C PHE A 164 -2.95 6.25 -14.67
N GLN A 165 -2.00 6.18 -15.58
CA GLN A 165 -2.28 5.95 -16.99
C GLN A 165 -3.05 4.69 -17.36
N ASP A 166 -2.55 3.52 -16.96
CA ASP A 166 -3.19 2.27 -17.31
C ASP A 166 -3.86 1.52 -16.17
N HIS A 167 -3.94 2.15 -15.00
CA HIS A 167 -4.57 1.55 -13.84
C HIS A 167 -3.89 0.29 -13.30
N THR A 168 -2.65 0.06 -13.71
CA THR A 168 -1.92 -1.11 -13.21
C THR A 168 -1.43 -0.77 -11.80
N LYS A 169 -1.23 -1.77 -10.97
CA LYS A 169 -0.81 -1.53 -9.60
C LYS A 169 0.14 -2.61 -9.11
N LEU A 170 0.99 -2.23 -8.15
CA LEU A 170 1.92 -3.16 -7.52
C LEU A 170 1.76 -3.06 -6.01
N ILE A 171 1.77 -4.21 -5.35
CA ILE A 171 1.69 -4.26 -3.90
C ILE A 171 2.93 -5.05 -3.49
N LEU A 172 3.87 -4.37 -2.84
CA LEU A 172 5.11 -5.00 -2.41
C LEU A 172 5.16 -5.22 -0.91
N CYS A 173 5.49 -6.43 -0.49
CA CYS A 173 5.62 -6.74 0.94
C CYS A 173 7.01 -7.27 1.20
N PRO A 174 7.75 -6.59 2.10
CA PRO A 174 9.12 -6.99 2.46
C PRO A 174 9.19 -8.18 3.40
N LEU A 175 8.06 -8.49 4.04
CA LEU A 175 8.00 -9.61 4.97
C LEU A 175 7.86 -10.89 4.17
N MET A 176 6.96 -10.88 3.20
CA MET A 176 6.74 -12.02 2.33
C MET A 176 7.76 -11.99 1.19
N ALA A 177 8.40 -10.83 0.99
CA ALA A 177 9.37 -10.66 -0.09
C ALA A 177 8.67 -11.06 -1.38
N ALA A 178 7.48 -10.51 -1.57
CA ALA A 178 6.66 -10.81 -2.72
C ALA A 178 6.09 -9.55 -3.35
N VAL A 179 5.62 -9.70 -4.59
CA VAL A 179 5.02 -8.59 -5.29
C VAL A 179 3.71 -9.05 -5.93
N THR A 180 2.68 -8.22 -5.78
CA THR A 180 1.39 -8.52 -6.39
C THR A 180 1.26 -7.54 -7.54
N TYR A 181 0.97 -8.04 -8.72
CA TYR A 181 0.81 -7.19 -9.89
C TYR A 181 -0.63 -7.28 -10.36
N ILE A 182 -1.29 -6.13 -10.40
CA ILE A 182 -2.67 -6.07 -10.89
C ILE A 182 -2.52 -5.42 -12.26
N ASP A 183 -2.78 -6.18 -13.31
CA ASP A 183 -2.62 -5.65 -14.66
C ASP A 183 -3.80 -4.84 -15.18
N GLU A 184 -3.66 -4.38 -16.42
CA GLU A 184 -4.68 -3.57 -17.07
C GLU A 184 -6.02 -4.27 -17.23
N LYS A 185 -6.02 -5.60 -17.16
CA LYS A 185 -7.27 -6.37 -17.28
C LYS A 185 -7.81 -6.70 -15.89
N ARG A 186 -7.18 -6.11 -14.88
CA ARG A 186 -7.54 -6.31 -13.48
C ARG A 186 -7.21 -7.70 -12.96
N ASP A 187 -6.29 -8.39 -13.64
CA ASP A 187 -5.86 -9.71 -13.18
C ASP A 187 -4.87 -9.46 -12.03
N PHE A 188 -5.11 -10.13 -10.92
CA PHE A 188 -4.32 -9.99 -9.69
C PHE A 188 -3.46 -11.25 -9.49
N ARG A 189 -2.14 -11.11 -9.64
CA ARG A 189 -1.23 -12.24 -9.46
C ARG A 189 -0.10 -11.90 -8.49
N THR A 190 0.20 -12.82 -7.58
CA THR A 190 1.24 -12.61 -6.58
C THR A 190 2.45 -13.52 -6.81
N TYR A 191 3.63 -12.92 -6.80
CA TYR A 191 4.88 -13.64 -7.05
C TYR A 191 5.93 -13.49 -5.96
N ARG A 192 6.74 -14.52 -5.76
CA ARG A 192 7.84 -14.45 -4.80
C ARG A 192 8.95 -13.80 -5.62
N LEU A 193 9.54 -12.72 -5.11
CA LEU A 193 10.60 -12.04 -5.86
C LEU A 193 11.75 -12.98 -6.17
N SER A 194 12.10 -13.83 -5.21
CA SER A 194 13.18 -14.78 -5.39
C SER A 194 12.92 -15.74 -6.54
N LEU A 195 11.65 -16.10 -6.77
CA LEU A 195 11.32 -17.00 -7.86
C LEU A 195 11.32 -16.27 -9.19
N LEU A 196 11.08 -14.96 -9.18
CA LEU A 196 11.12 -14.19 -10.41
C LEU A 196 12.58 -14.15 -10.87
N GLU A 197 13.50 -14.22 -9.90
CA GLU A 197 14.92 -14.21 -10.23
C GLU A 197 15.26 -15.50 -10.96
N GLU A 198 14.67 -16.61 -10.49
CA GLU A 198 14.93 -17.91 -11.10
C GLU A 198 14.25 -18.11 -12.45
N TYR A 199 12.95 -17.83 -12.50
CA TYR A 199 12.17 -18.05 -13.70
C TYR A 199 11.91 -16.87 -14.63
N GLY A 200 12.26 -15.67 -14.19
CA GLY A 200 12.05 -14.49 -15.00
C GLY A 200 10.62 -13.98 -15.03
N CYS A 201 10.39 -12.87 -15.73
CA CYS A 201 9.05 -12.31 -15.84
C CYS A 201 8.93 -11.42 -17.07
N CYS A 202 7.70 -11.04 -17.39
CA CYS A 202 7.42 -10.20 -18.55
C CYS A 202 8.00 -8.80 -18.37
N LYS A 203 8.18 -8.10 -19.48
CA LYS A 203 8.74 -6.75 -19.46
C LYS A 203 7.90 -5.72 -18.72
N GLU A 204 6.58 -5.91 -18.69
CA GLU A 204 5.71 -4.96 -18.01
C GLU A 204 5.93 -5.01 -16.50
N LEU A 205 5.99 -6.21 -15.93
CA LEU A 205 6.22 -6.32 -14.51
C LEU A 205 7.65 -5.90 -14.20
N ALA A 206 8.60 -6.32 -15.03
CA ALA A 206 10.01 -5.96 -14.80
C ALA A 206 10.21 -4.45 -14.76
N SER A 207 9.59 -3.73 -15.67
CA SER A 207 9.72 -2.28 -15.72
C SER A 207 9.13 -1.62 -14.47
N ARG A 208 7.99 -2.14 -14.03
CA ARG A 208 7.33 -1.58 -12.86
C ARG A 208 8.13 -1.88 -11.59
N LEU A 209 8.83 -3.01 -11.57
CA LEU A 209 9.65 -3.35 -10.40
C LEU A 209 10.85 -2.41 -10.36
N ARG A 210 11.34 -1.98 -11.51
CA ARG A 210 12.46 -1.05 -11.54
C ARG A 210 11.96 0.31 -11.01
N TYR A 211 10.76 0.70 -11.44
CA TYR A 211 10.19 1.95 -10.99
C TYR A 211 9.97 1.88 -9.48
N ALA A 212 9.54 0.72 -9.01
CA ALA A 212 9.29 0.52 -7.57
C ALA A 212 10.56 0.73 -6.75
N ARG A 213 11.70 0.27 -7.27
CA ARG A 213 12.95 0.43 -6.54
C ARG A 213 13.27 1.91 -6.40
N THR A 214 12.99 2.68 -7.44
CA THR A 214 13.24 4.12 -7.40
C THR A 214 12.33 4.76 -6.35
N MET A 215 11.08 4.29 -6.28
CA MET A 215 10.14 4.84 -5.30
C MET A 215 10.57 4.51 -3.88
N VAL A 216 11.09 3.31 -3.69
CA VAL A 216 11.54 2.91 -2.36
C VAL A 216 12.76 3.74 -1.96
N ASP A 217 13.62 4.06 -2.92
CA ASP A 217 14.78 4.90 -2.61
C ASP A 217 14.28 6.27 -2.20
N LYS A 218 13.22 6.74 -2.84
CA LYS A 218 12.65 8.05 -2.51
C LYS A 218 12.14 8.04 -1.07
N LEU A 219 11.41 6.98 -0.70
CA LEU A 219 10.88 6.85 0.65
C LEU A 219 12.00 6.82 1.68
N LEU A 220 13.07 6.09 1.37
CA LEU A 220 14.21 6.00 2.28
C LEU A 220 14.93 7.33 2.40
N SER A 221 15.04 8.05 1.28
CA SER A 221 15.70 9.35 1.27
C SER A 221 14.93 10.34 2.13
N SER A 222 13.61 10.27 2.07
CA SER A 222 12.75 11.16 2.84
C SER A 222 12.89 10.87 4.34
N ARG A 223 12.97 9.60 4.69
CA ARG A 223 13.12 9.23 6.09
C ARG A 223 14.47 9.72 6.59
N SER A 224 15.49 9.56 5.75
CA SER A 224 16.85 9.98 6.10
C SER A 224 16.90 11.49 6.34
N ALA A 225 16.16 12.23 5.52
CA ALA A 225 16.11 13.68 5.65
C ALA A 225 15.44 14.08 6.96
N SER A 226 14.36 13.37 7.29
CA SER A 226 13.61 13.64 8.51
C SER A 226 14.44 13.29 9.74
N ASN A 227 15.37 12.34 9.59
CA ASN A 227 16.23 11.93 10.70
C ASN A 227 17.48 12.82 10.70
N ARG A 228 17.53 13.75 9.76
CA ARG A 228 18.65 14.68 9.62
C ARG A 228 19.93 13.96 9.22
C ACE B 1 -8.89 12.39 -5.74
O ACE B 1 -8.97 12.39 -4.51
CH3 ACE B 1 -8.49 13.63 -6.50
C 56A B 2 -9.12 8.87 -6.71
N 56A B 2 -9.17 11.30 -6.47
O 56A B 2 -8.88 9.06 -7.90
CA 56A B 2 -9.43 10.03 -5.78
CB 56A B 2 -10.87 9.89 -5.24
CG 56A B 2 -11.89 10.24 -6.26
C27 56A B 2 -12.94 12.10 -4.86
C28 56A B 2 -13.88 13.27 -5.04
C29 56A B 2 -13.92 14.20 -3.84
C30 56A B 2 -14.55 13.61 -2.59
C31 56A B 2 -14.58 14.63 -1.44
C32 56A B 2 -15.30 14.15 -0.17
C33 56A B 2 -14.67 12.93 0.50
C34 56A B 2 -15.33 12.59 1.84
C35 56A B 2 -15.16 13.67 2.89
C36 56A B 2 -14.03 13.70 3.69
C37 56A B 2 -13.86 14.70 4.64
C38 56A B 2 -14.82 15.67 4.81
C39 56A B 2 -15.96 15.63 4.04
C40 56A B 2 -16.13 14.64 3.08
ND1 56A B 2 -12.83 11.26 -6.07
CD2 56A B 2 -12.17 9.74 -7.50
CE1 56A B 2 -13.58 11.33 -7.20
NE2 56A B 2 -13.29 10.34 -8.03
N SER B 3 -9.14 7.67 -6.16
CA SER B 3 -8.85 6.47 -6.93
C SER B 3 -10.00 6.16 -7.88
N TPO B 4 -9.87 5.09 -8.67
CA TPO B 4 -10.72 4.91 -9.83
CB TPO B 4 -10.30 3.73 -10.71
CG2 TPO B 4 -11.12 3.64 -11.98
OG1 TPO B 4 -8.92 4.00 -11.02
P TPO B 4 -7.70 3.08 -10.51
O1P TPO B 4 -7.92 1.63 -10.78
O2P TPO B 4 -6.51 3.69 -11.22
O3P TPO B 4 -7.66 3.38 -9.02
C TPO B 4 -12.13 4.61 -9.32
O TPO B 4 -12.33 3.77 -8.48
N NH2 B 5 -13.12 5.31 -9.87
C1 EDO C . -5.98 17.14 -3.86
O1 EDO C . -6.99 16.37 -4.49
C2 EDO C . -6.59 18.44 -3.30
O2 EDO C . -7.53 18.14 -2.28
C1 EDO D . 4.33 13.06 19.05
O1 EDO D . 4.29 13.31 17.65
C2 EDO D . 3.57 14.17 19.81
O2 EDO D . 2.23 14.19 19.39
C1 EDO E . -17.27 18.64 6.85
O1 EDO E . -17.39 19.98 7.28
C2 EDO E . -17.09 18.61 5.32
O2 EDO E . -15.91 19.32 4.95
C1 EDO F . -19.65 10.99 1.97
O1 EDO F . -19.27 11.40 3.28
C2 EDO F . -19.97 12.23 1.10
O2 EDO F . -18.81 13.04 0.97
C1 EDO G . -3.21 -14.06 -6.43
O1 EDO G . -4.23 -14.87 -6.97
C2 EDO G . -1.87 -14.84 -6.39
O2 EDO G . -1.44 -15.12 -7.70
C1 EDO H . -6.42 15.31 19.42
O1 EDO H . -5.12 15.28 18.88
C2 EDO H . -6.32 15.07 20.95
O2 EDO H . -5.50 16.07 21.51
C1 EDO I . -7.08 18.29 10.24
O1 EDO I . -7.23 19.27 9.23
C2 EDO I . -5.89 17.38 9.88
O2 EDO I . -4.69 18.13 9.76
C1 EDO J . 1.88 14.15 -0.02
O1 EDO J . 3.23 13.93 -0.37
C2 EDO J . 1.73 13.96 1.51
O2 EDO J . 2.57 14.87 2.19
C1 EDO K . 2.06 2.60 -17.69
O1 EDO K . 1.63 3.67 -18.52
C2 EDO K . 3.06 3.12 -16.64
O2 EDO K . 2.46 4.15 -15.88
C1 EDO L . -18.54 0.09 -3.45
O1 EDO L . -17.27 -0.42 -3.85
C2 EDO L . -18.62 1.60 -3.76
O2 EDO L . -18.51 1.84 -5.15
#